data_4DGK
#
_entry.id   4DGK
#
_cell.length_a   90.690
_cell.length_b   90.690
_cell.length_c   130.030
_cell.angle_alpha   90.00
_cell.angle_beta   90.00
_cell.angle_gamma   120.00
#
_symmetry.space_group_name_H-M   'P 32 2 1'
#
loop_
_entity.id
_entity.type
_entity.pdbx_description
1 polymer 'Phytoene dehydrogenase'
2 non-polymer 1,2-ETHANEDIOL
3 non-polymer 'CHLORIDE ION'
4 water water
#
_entity_poly.entity_id   1
_entity_poly.type   'polypeptide(L)'
_entity_poly.pdbx_seq_one_letter_code
;MKPTTVIGAGFGGLALAIRLQAAGIPVLLLEQRDKPGGRAYVYEDQGFTFDAGPTVITDPSAIEELFALAGKQLKEYVEL
LPVTPFYRLCWESGKVFNYDNDQTRLEAQIQQFNPRDVEGYRQFLDYSRAVFKEGYLKLGTVPFLSFRDMLRAAPQLAKL
QAWRSVYSKVASYIEDEHLRQAFSFHSLLVGGNPFATSSIYTLIHALEREWGVWFPRGGTGALVQGMIKLFQDLGGEVVL
NARVSHMETTGNKIEAVHLEDGRRFLTQAVASNADVVHTYRDLLSQHPAAVKQSNKLQTKRMSNSLFVLYFGLNHHHDQL
AHHTVCFGPRYRELIDEIFNHDGLAEDFSLYLHAPCVTDSSLAPEGCGSYYVLAPVPHLGTANLDWTVEGPKLRDRIFAY
LEQHYMPGLRSQLVTHRMFTPFDFRDQLNAYHGSAFSVEPVLTQSAWFRPHNRDKTITNLYLVGAGTHPGAGIPGVIGSA
KATAGLMLEDLIGGSHHHHHH
;
_entity_poly.pdbx_strand_id   A
#
# COMPACT_ATOMS: atom_id res chain seq x y z
N MET A 1 8.57 -22.28 30.00
CA MET A 1 8.09 -20.89 30.02
C MET A 1 6.73 -20.81 29.31
N LYS A 2 5.80 -20.00 29.84
CA LYS A 2 4.50 -19.79 29.21
C LYS A 2 4.81 -19.00 27.92
N PRO A 3 4.14 -19.32 26.80
CA PRO A 3 4.38 -18.53 25.59
C PRO A 3 3.82 -17.11 25.73
N THR A 4 4.36 -16.18 24.91
CA THR A 4 3.85 -14.82 24.79
C THR A 4 2.88 -14.85 23.62
N THR A 5 1.69 -14.28 23.80
CA THR A 5 0.66 -14.31 22.77
C THR A 5 0.58 -13.03 21.93
N VAL A 6 0.66 -13.17 20.60
CA VAL A 6 0.49 -12.06 19.66
C VAL A 6 -0.82 -12.30 18.93
N ILE A 7 -1.77 -11.41 19.09
CA ILE A 7 -3.08 -11.54 18.46
C ILE A 7 -3.15 -10.72 17.18
N GLY A 8 -3.29 -11.41 16.05
CA GLY A 8 -3.38 -10.82 14.70
C GLY A 8 -2.41 -9.70 14.43
N ALA A 9 -2.96 -8.45 14.32
CA ALA A 9 -2.25 -7.19 14.08
C ALA A 9 -1.47 -7.06 12.74
N GLY A 10 -1.82 -7.91 11.77
CA GLY A 10 -1.25 -7.95 10.43
C GLY A 10 0.25 -8.12 10.35
N PHE A 11 0.91 -7.25 9.58
CA PHE A 11 2.36 -7.24 9.40
C PHE A 11 3.10 -6.79 10.66
N GLY A 12 2.44 -5.96 11.46
CA GLY A 12 2.97 -5.48 12.73
C GLY A 12 3.12 -6.59 13.73
N GLY A 13 2.05 -7.39 13.88
CA GLY A 13 2.00 -8.52 14.81
C GLY A 13 2.97 -9.62 14.40
N LEU A 14 3.07 -9.85 13.09
CA LEU A 14 3.96 -10.83 12.50
C LEU A 14 5.43 -10.42 12.74
N ALA A 15 5.76 -9.13 12.56
CA ALA A 15 7.12 -8.62 12.78
C ALA A 15 7.45 -8.67 14.28
N LEU A 16 6.46 -8.32 15.13
CA LEU A 16 6.63 -8.35 16.57
C LEU A 16 6.91 -9.79 17.06
N ALA A 17 6.13 -10.76 16.58
CA ALA A 17 6.27 -12.20 16.90
C ALA A 17 7.65 -12.69 16.49
N ILE A 18 8.15 -12.28 15.29
CA ILE A 18 9.47 -12.66 14.77
C ILE A 18 10.59 -12.14 15.70
N ARG A 19 10.52 -10.84 16.09
CA ARG A 19 11.53 -10.24 16.97
C ARG A 19 11.56 -10.87 18.37
N LEU A 20 10.39 -11.20 18.93
CA LEU A 20 10.30 -11.83 20.25
C LEU A 20 10.88 -13.24 20.17
N GLN A 21 10.46 -14.03 19.14
CA GLN A 21 10.95 -15.38 18.91
C GLN A 21 12.46 -15.42 18.65
N ALA A 22 13.00 -14.45 17.89
CA ALA A 22 14.44 -14.38 17.62
C ALA A 22 15.22 -14.12 18.91
N ALA A 23 14.58 -13.42 19.88
CA ALA A 23 15.24 -13.06 21.13
C ALA A 23 15.18 -14.14 22.21
N GLY A 24 14.59 -15.29 21.90
CA GLY A 24 14.52 -16.43 22.82
C GLY A 24 13.19 -16.60 23.54
N ILE A 25 12.21 -15.73 23.22
CA ILE A 25 10.88 -15.76 23.83
C ILE A 25 9.98 -16.73 23.06
N PRO A 26 9.37 -17.75 23.70
CA PRO A 26 8.42 -18.60 22.97
C PRO A 26 7.14 -17.82 22.65
N VAL A 27 6.75 -17.79 21.36
CA VAL A 27 5.58 -17.03 20.92
C VAL A 27 4.49 -17.90 20.34
N LEU A 28 3.27 -17.48 20.57
CA LEU A 28 2.06 -18.03 19.99
C LEU A 28 1.44 -16.88 19.21
N LEU A 29 1.32 -17.04 17.89
CA LEU A 29 0.75 -16.03 17.02
C LEU A 29 -0.65 -16.50 16.67
N LEU A 30 -1.64 -15.72 17.06
CA LEU A 30 -3.04 -16.07 16.85
C LEU A 30 -3.61 -15.35 15.65
N GLU A 31 -4.02 -16.13 14.65
CA GLU A 31 -4.62 -15.69 13.41
C GLU A 31 -6.12 -16.03 13.43
N GLN A 32 -6.94 -14.99 13.38
CA GLN A 32 -8.42 -15.01 13.41
C GLN A 32 -9.09 -15.46 12.10
N ARG A 33 -8.49 -15.07 10.95
CA ARG A 33 -8.90 -15.23 9.53
C ARG A 33 -9.62 -13.99 9.02
N TYR A 41 -7.06 -10.40 3.95
CA TYR A 41 -6.07 -9.49 3.38
C TYR A 41 -5.69 -9.88 1.94
N VAL A 42 -5.87 -11.19 1.60
CA VAL A 42 -5.65 -11.82 0.29
C VAL A 42 -6.77 -12.86 0.08
N TYR A 43 -7.54 -12.73 -1.01
CA TYR A 43 -8.56 -13.72 -1.33
C TYR A 43 -8.31 -14.36 -2.69
N GLU A 44 -8.67 -15.63 -2.82
CA GLU A 44 -8.43 -16.41 -4.02
C GLU A 44 -9.74 -17.03 -4.52
N ASP A 45 -9.96 -16.99 -5.85
CA ASP A 45 -11.13 -17.54 -6.51
C ASP A 45 -10.80 -17.91 -7.97
N GLN A 46 -11.08 -19.18 -8.35
CA GLN A 46 -10.92 -19.72 -9.70
C GLN A 46 -9.51 -19.58 -10.32
N GLY A 47 -8.48 -19.62 -9.48
CA GLY A 47 -7.10 -19.51 -9.93
C GLY A 47 -6.55 -18.09 -9.88
N PHE A 48 -7.43 -17.12 -9.60
CA PHE A 48 -7.06 -15.71 -9.51
C PHE A 48 -6.79 -15.39 -8.04
N THR A 49 -5.72 -14.64 -7.79
CA THR A 49 -5.30 -14.19 -6.47
C THR A 49 -5.56 -12.70 -6.36
N PHE A 50 -6.37 -12.30 -5.37
CA PHE A 50 -6.73 -10.91 -5.17
C PHE A 50 -6.25 -10.30 -3.85
N ASP A 51 -5.30 -9.36 -3.94
CA ASP A 51 -4.89 -8.64 -2.74
C ASP A 51 -4.99 -7.15 -2.93
N ALA A 52 -5.66 -6.47 -1.99
CA ALA A 52 -5.74 -5.00 -2.00
C ALA A 52 -4.85 -4.47 -0.89
N GLY A 53 -4.16 -5.38 -0.21
CA GLY A 53 -3.23 -5.03 0.86
C GLY A 53 -2.05 -4.32 0.24
N PRO A 54 -1.82 -3.02 0.58
CA PRO A 54 -0.72 -2.24 -0.04
C PRO A 54 0.50 -3.03 -0.54
N THR A 55 0.66 -3.09 -1.88
CA THR A 55 1.70 -3.84 -2.60
C THR A 55 2.95 -2.98 -2.85
N VAL A 56 2.87 -1.68 -2.54
CA VAL A 56 3.96 -0.75 -2.84
C VAL A 56 5.18 -0.89 -1.92
N ILE A 57 6.24 -1.46 -2.45
CA ILE A 57 7.45 -1.55 -1.66
C ILE A 57 8.45 -0.65 -2.32
N THR A 58 8.90 0.38 -1.59
CA THR A 58 9.93 1.29 -2.07
C THR A 58 11.18 1.13 -1.20
N ASP A 59 11.01 0.83 0.11
CA ASP A 59 12.14 0.64 1.02
C ASP A 59 12.02 -0.69 1.75
N PRO A 60 12.61 -1.79 1.22
CA PRO A 60 12.52 -3.08 1.92
C PRO A 60 13.46 -3.30 3.11
N SER A 61 14.24 -2.29 3.53
CA SER A 61 15.24 -2.40 4.60
C SER A 61 14.70 -2.85 5.95
N ALA A 62 13.50 -2.40 6.32
CA ALA A 62 12.86 -2.82 7.58
C ALA A 62 12.45 -4.31 7.52
N ILE A 63 12.15 -4.83 6.31
CA ILE A 63 11.76 -6.24 6.12
C ILE A 63 13.03 -7.07 6.19
N GLU A 64 14.08 -6.65 5.42
CA GLU A 64 15.36 -7.35 5.38
CA GLU A 64 15.40 -7.30 5.36
C GLU A 64 15.96 -7.47 6.77
N GLU A 65 15.82 -6.42 7.61
CA GLU A 65 16.26 -6.34 9.00
C GLU A 65 15.61 -7.43 9.88
N LEU A 66 14.34 -7.85 9.60
CA LEU A 66 13.71 -8.94 10.36
C LEU A 66 14.38 -10.26 10.03
N PHE A 67 14.67 -10.48 8.73
CA PHE A 67 15.30 -11.72 8.27
C PHE A 67 16.73 -11.82 8.79
N ALA A 68 17.43 -10.67 8.95
CA ALA A 68 18.81 -10.59 9.46
C ALA A 68 18.93 -11.02 10.93
N LEU A 69 17.83 -10.88 11.69
CA LEU A 69 17.76 -11.31 13.08
C LEU A 69 17.93 -12.83 13.21
N ALA A 70 17.43 -13.60 12.22
CA ALA A 70 17.53 -15.05 12.20
C ALA A 70 18.79 -15.49 11.48
N GLY A 71 19.58 -14.53 10.99
CA GLY A 71 20.78 -14.80 10.21
C GLY A 71 20.42 -15.25 8.81
N LYS A 72 19.23 -14.81 8.32
CA LYS A 72 18.69 -15.12 7.00
C LYS A 72 18.61 -13.87 6.12
N GLN A 73 18.32 -14.06 4.84
CA GLN A 73 18.12 -12.96 3.89
C GLN A 73 16.72 -13.06 3.35
N LEU A 74 16.07 -11.91 3.07
CA LEU A 74 14.72 -11.87 2.53
C LEU A 74 14.55 -12.71 1.24
N LYS A 75 15.52 -12.62 0.32
CA LYS A 75 15.51 -13.33 -0.96
C LYS A 75 15.36 -14.86 -0.91
N GLU A 76 15.80 -15.49 0.20
CA GLU A 76 15.64 -16.93 0.44
C GLU A 76 14.17 -17.31 0.63
N TYR A 77 13.36 -16.35 1.10
CA TYR A 77 11.94 -16.54 1.38
C TYR A 77 11.02 -15.84 0.41
N VAL A 78 11.37 -14.61 0.00
CA VAL A 78 10.51 -13.79 -0.85
C VAL A 78 11.30 -13.14 -1.92
N GLU A 79 10.85 -13.25 -3.17
CA GLU A 79 11.49 -12.58 -4.31
C GLU A 79 10.75 -11.27 -4.60
N LEU A 80 11.47 -10.14 -4.52
CA LEU A 80 10.94 -8.81 -4.84
C LEU A 80 11.21 -8.49 -6.30
N LEU A 81 10.15 -8.14 -7.03
CA LEU A 81 10.15 -7.84 -8.46
C LEU A 81 10.12 -6.34 -8.72
N PRO A 82 11.05 -5.80 -9.56
CA PRO A 82 11.02 -4.36 -9.85
C PRO A 82 9.80 -3.96 -10.66
N VAL A 83 9.16 -2.82 -10.31
CA VAL A 83 7.99 -2.32 -11.03
C VAL A 83 8.42 -1.13 -11.92
N THR A 84 8.24 -1.25 -13.24
CA THR A 84 8.62 -0.17 -14.16
C THR A 84 7.52 0.07 -15.19
N PRO A 85 7.07 1.35 -15.38
CA PRO A 85 7.42 2.54 -14.59
C PRO A 85 6.81 2.40 -13.18
N PHE A 86 7.13 3.34 -12.28
CA PHE A 86 6.59 3.33 -10.94
C PHE A 86 5.08 3.31 -11.03
N TYR A 87 4.54 4.19 -11.86
CA TYR A 87 3.11 4.30 -12.14
C TYR A 87 2.92 5.13 -13.40
N ARG A 88 1.69 5.07 -13.92
CA ARG A 88 1.27 5.81 -15.08
C ARG A 88 0.09 6.69 -14.71
N LEU A 89 0.14 7.98 -15.13
CA LEU A 89 -0.94 8.94 -15.00
C LEU A 89 -1.70 8.90 -16.35
N CYS A 90 -3.03 8.66 -16.30
CA CYS A 90 -3.87 8.58 -17.50
C CYS A 90 -4.93 9.64 -17.44
N TRP A 91 -4.96 10.49 -18.47
CA TRP A 91 -6.01 11.48 -18.59
C TRP A 91 -7.14 10.93 -19.47
N GLU A 92 -8.40 11.21 -19.12
CA GLU A 92 -9.55 10.76 -19.94
C GLU A 92 -9.40 11.18 -21.40
N SER A 93 -8.72 12.33 -21.62
CA SER A 93 -8.41 12.90 -22.93
C SER A 93 -7.43 12.05 -23.80
N GLY A 94 -6.77 11.06 -23.23
CA GLY A 94 -5.86 10.18 -23.98
C GLY A 94 -4.38 10.38 -23.70
N LYS A 95 -4.03 11.49 -23.05
CA LYS A 95 -2.67 11.79 -22.59
C LYS A 95 -2.24 10.85 -21.47
N VAL A 96 -0.95 10.50 -21.50
CA VAL A 96 -0.30 9.55 -20.62
C VAL A 96 1.01 10.16 -20.14
N PHE A 97 1.38 9.87 -18.88
CA PHE A 97 2.66 10.22 -18.32
C PHE A 97 3.14 9.06 -17.44
N ASN A 98 4.26 8.48 -17.85
CA ASN A 98 4.89 7.36 -17.16
C ASN A 98 5.97 7.88 -16.23
N TYR A 99 5.76 7.64 -14.93
CA TYR A 99 6.67 8.08 -13.91
C TYR A 99 7.74 7.07 -13.53
N ASP A 100 8.99 7.49 -13.59
CA ASP A 100 10.13 6.73 -13.10
C ASP A 100 11.20 7.75 -12.70
N ASN A 101 12.43 7.29 -12.34
CA ASN A 101 13.54 8.17 -11.92
C ASN A 101 14.54 8.52 -13.04
N ASP A 102 14.34 8.00 -14.25
CA ASP A 102 15.22 8.24 -15.38
C ASP A 102 14.92 9.59 -16.07
N GLN A 103 15.83 10.58 -15.90
CA GLN A 103 15.70 11.91 -16.49
C GLN A 103 15.53 11.88 -18.00
N THR A 104 16.18 10.93 -18.69
CA THR A 104 16.08 10.76 -20.14
C THR A 104 14.68 10.37 -20.59
N ARG A 105 14.04 9.40 -19.90
CA ARG A 105 12.67 8.97 -20.22
C ARG A 105 11.64 10.01 -19.75
N LEU A 106 11.94 10.78 -18.71
CA LEU A 106 11.02 11.85 -18.28
C LEU A 106 11.04 13.00 -19.34
N GLU A 107 12.24 13.44 -19.72
CA GLU A 107 12.44 14.50 -20.72
C GLU A 107 11.83 14.19 -22.07
N ALA A 108 11.94 12.94 -22.52
CA ALA A 108 11.39 12.46 -23.81
C ALA A 108 9.85 12.58 -23.79
N GLN A 109 9.22 12.38 -22.62
CA GLN A 109 7.77 12.50 -22.48
C GLN A 109 7.38 13.97 -22.41
N ILE A 110 8.13 14.78 -21.63
CA ILE A 110 7.94 16.24 -21.49
C ILE A 110 7.99 16.90 -22.89
N GLN A 111 9.01 16.52 -23.68
CA GLN A 111 9.22 16.95 -25.06
C GLN A 111 7.94 16.73 -25.89
N GLN A 112 7.28 15.55 -25.74
CA GLN A 112 6.03 15.25 -26.44
C GLN A 112 4.89 16.18 -26.01
N PHE A 113 4.82 16.59 -24.74
CA PHE A 113 3.74 17.50 -24.29
C PHE A 113 3.99 18.92 -24.74
N ASN A 114 5.20 19.42 -24.50
CA ASN A 114 5.61 20.78 -24.78
C ASN A 114 7.15 20.87 -24.84
N PRO A 115 7.75 21.00 -26.05
CA PRO A 115 9.23 21.10 -26.16
C PRO A 115 9.91 22.08 -25.20
N ARG A 116 9.34 23.27 -25.06
CA ARG A 116 9.81 24.36 -24.21
C ARG A 116 9.94 23.91 -22.73
N ASP A 117 9.10 22.97 -22.30
CA ASP A 117 9.11 22.46 -20.94
C ASP A 117 10.27 21.53 -20.55
N VAL A 118 11.13 21.10 -21.50
CA VAL A 118 12.32 20.28 -21.18
C VAL A 118 13.33 21.20 -20.44
N GLU A 119 13.57 22.42 -21.00
CA GLU A 119 14.42 23.44 -20.40
C GLU A 119 13.79 23.98 -19.13
N GLY A 120 12.47 24.17 -19.15
CA GLY A 120 11.70 24.61 -17.99
C GLY A 120 11.88 23.64 -16.84
N TYR A 121 11.84 22.32 -17.14
CA TYR A 121 12.08 21.28 -16.15
C TYR A 121 13.50 21.29 -15.60
N ARG A 122 14.52 21.43 -16.45
CA ARG A 122 15.94 21.46 -16.05
C ARG A 122 16.20 22.66 -15.15
N GLN A 123 15.60 23.81 -15.49
CA GLN A 123 15.69 25.05 -14.74
C GLN A 123 14.98 24.92 -13.41
N PHE A 124 13.84 24.18 -13.38
CA PHE A 124 13.09 23.89 -12.17
C PHE A 124 13.96 23.07 -11.20
N LEU A 125 14.67 22.06 -11.72
CA LEU A 125 15.54 21.20 -10.93
C LEU A 125 16.75 21.99 -10.44
N ASP A 126 17.38 22.80 -11.30
CA ASP A 126 18.54 23.62 -10.88
C ASP A 126 18.19 24.58 -9.75
N TYR A 127 17.03 25.22 -9.81
CA TYR A 127 16.58 26.18 -8.81
C TYR A 127 16.29 25.49 -7.48
N SER A 128 15.53 24.39 -7.55
CA SER A 128 15.11 23.56 -6.42
C SER A 128 16.30 22.93 -5.73
N ARG A 129 17.30 22.41 -6.49
CA ARG A 129 18.53 21.86 -5.90
C ARG A 129 19.29 22.95 -5.16
N ALA A 130 19.30 24.19 -5.70
CA ALA A 130 20.00 25.31 -5.09
C ALA A 130 19.35 25.71 -3.76
N VAL A 131 18.00 25.64 -3.69
CA VAL A 131 17.25 25.96 -2.48
C VAL A 131 17.58 24.96 -1.39
N PHE A 132 17.62 23.67 -1.72
CA PHE A 132 17.88 22.63 -0.73
C PHE A 132 19.31 22.10 -0.69
N LYS A 133 20.28 22.84 -1.28
CA LYS A 133 21.68 22.44 -1.35
C LYS A 133 22.27 22.23 0.03
N GLU A 134 22.03 23.19 0.95
CA GLU A 134 22.59 23.20 2.30
C GLU A 134 21.53 23.06 3.42
N GLY A 135 21.92 22.39 4.50
CA GLY A 135 21.11 22.19 5.71
C GLY A 135 19.92 21.27 5.61
N TYR A 136 19.78 20.57 4.48
CA TYR A 136 18.71 19.61 4.24
C TYR A 136 19.33 18.22 4.03
N LEU A 137 18.72 17.18 4.63
CA LEU A 137 19.21 15.78 4.55
C LEU A 137 18.90 15.11 3.21
N GLY A 140 18.18 10.88 3.25
CA GLY A 140 16.95 10.84 4.04
C GLY A 140 16.13 9.56 3.89
N THR A 141 14.79 9.68 4.10
CA THR A 141 13.85 8.56 4.00
C THR A 141 13.43 8.31 2.54
N VAL A 142 13.33 7.02 2.17
CA VAL A 142 12.95 6.60 0.83
C VAL A 142 11.48 6.99 0.60
N PRO A 143 11.16 7.67 -0.53
CA PRO A 143 9.76 8.04 -0.80
C PRO A 143 8.81 6.86 -0.77
N PHE A 144 7.61 7.00 -0.15
CA PHE A 144 6.61 5.95 -0.14
C PHE A 144 5.32 6.42 -0.79
N LEU A 145 4.88 5.67 -1.82
CA LEU A 145 3.72 5.89 -2.66
C LEU A 145 2.43 5.36 -2.05
N SER A 146 1.54 6.26 -1.61
CA SER A 146 0.25 5.80 -1.13
C SER A 146 -0.84 6.37 -2.01
N PHE A 147 -1.23 5.57 -2.97
CA PHE A 147 -2.28 5.87 -3.92
C PHE A 147 -3.62 6.02 -3.17
N ARG A 148 -3.86 5.15 -2.16
CA ARG A 148 -5.04 5.13 -1.29
C ARG A 148 -5.23 6.46 -0.58
N ASP A 149 -4.18 6.97 0.06
CA ASP A 149 -4.21 8.24 0.76
C ASP A 149 -4.49 9.41 -0.17
N MET A 150 -3.88 9.41 -1.37
CA MET A 150 -4.12 10.43 -2.40
C MET A 150 -5.57 10.41 -2.88
N LEU A 151 -6.15 9.20 -3.04
CA LEU A 151 -7.51 9.00 -3.52
C LEU A 151 -8.53 9.37 -2.47
N ARG A 152 -8.25 9.08 -1.19
CA ARG A 152 -9.12 9.44 -0.06
C ARG A 152 -9.24 10.97 0.12
N ALA A 153 -8.31 11.74 -0.45
CA ALA A 153 -8.31 13.20 -0.45
C ALA A 153 -8.60 13.77 -1.85
N ALA A 154 -8.67 12.89 -2.89
CA ALA A 154 -8.89 13.23 -4.32
C ALA A 154 -9.99 14.26 -4.69
N PRO A 155 -11.25 14.20 -4.17
CA PRO A 155 -12.24 15.24 -4.57
C PRO A 155 -11.72 16.65 -4.26
N GLN A 156 -11.15 16.82 -3.04
CA GLN A 156 -10.55 18.06 -2.57
C GLN A 156 -9.01 18.12 -2.83
N LEU A 157 -8.49 17.38 -3.85
CA LEU A 157 -7.06 17.32 -4.20
C LEU A 157 -6.52 18.69 -4.61
N ALA A 158 -7.04 19.23 -5.72
CA ALA A 158 -6.69 20.54 -6.26
C ALA A 158 -7.04 21.71 -5.30
N LYS A 159 -8.00 21.46 -4.38
CA LYS A 159 -8.52 22.42 -3.39
C LYS A 159 -7.51 22.74 -2.27
N LEU A 160 -6.73 21.72 -1.87
CA LEU A 160 -5.74 21.73 -0.79
C LEU A 160 -4.58 22.74 -0.95
N GLN A 161 -4.09 23.27 0.19
CA GLN A 161 -2.97 24.23 0.32
C GLN A 161 -1.64 23.59 -0.14
N ALA A 162 -1.45 22.28 0.12
CA ALA A 162 -0.23 21.57 -0.28
C ALA A 162 -0.17 21.52 -1.82
N TRP A 163 -1.32 21.21 -2.49
CA TRP A 163 -1.43 21.19 -3.95
C TRP A 163 -1.18 22.59 -4.55
N ARG A 164 -1.91 23.62 -4.08
CA ARG A 164 -1.80 25.01 -4.54
C ARG A 164 -0.38 25.55 -4.54
N SER A 165 0.34 25.30 -3.43
CA SER A 165 1.72 25.73 -3.20
C SER A 165 2.68 25.03 -4.15
N VAL A 166 2.60 23.71 -4.24
CA VAL A 166 3.46 22.94 -5.15
C VAL A 166 3.13 23.28 -6.61
N TYR A 167 1.84 23.37 -6.97
CA TYR A 167 1.41 23.73 -8.32
C TYR A 167 2.00 25.09 -8.74
N SER A 168 1.93 26.13 -7.87
CA SER A 168 2.46 27.46 -8.22
C SER A 168 3.99 27.43 -8.40
N LYS A 169 4.66 26.55 -7.65
CA LYS A 169 6.12 26.37 -7.75
C LYS A 169 6.51 25.69 -9.04
N VAL A 170 5.73 24.69 -9.47
CA VAL A 170 5.99 23.98 -10.73
C VAL A 170 5.64 24.91 -11.89
N ALA A 171 4.48 25.63 -11.79
CA ALA A 171 3.97 26.59 -12.79
C ALA A 171 4.93 27.74 -13.08
N SER A 172 5.82 28.11 -12.14
CA SER A 172 6.83 29.16 -12.40
C SER A 172 7.75 28.74 -13.52
N TYR A 173 7.95 27.43 -13.73
CA TYR A 173 8.89 26.86 -14.72
C TYR A 173 8.25 26.10 -15.85
N ILE A 174 7.12 25.43 -15.58
CA ILE A 174 6.45 24.53 -16.53
C ILE A 174 5.19 25.19 -16.94
N GLU A 175 4.98 25.24 -18.23
CA GLU A 175 3.83 25.85 -18.86
C GLU A 175 2.70 24.85 -19.14
N ASP A 176 3.02 23.61 -19.52
CA ASP A 176 1.98 22.61 -19.83
C ASP A 176 1.14 22.20 -18.63
N GLU A 177 -0.20 22.28 -18.77
CA GLU A 177 -1.18 21.93 -17.75
C GLU A 177 -1.11 20.50 -17.26
N HIS A 178 -0.92 19.52 -18.18
CA HIS A 178 -0.82 18.10 -17.78
C HIS A 178 0.46 17.87 -16.96
N LEU A 179 1.56 18.52 -17.41
CA LEU A 179 2.87 18.47 -16.74
C LEU A 179 2.83 19.17 -15.38
N ARG A 180 2.11 20.30 -15.25
CA ARG A 180 1.98 20.95 -13.94
C ARG A 180 1.22 20.01 -12.99
N GLN A 181 0.18 19.33 -13.50
CA GLN A 181 -0.60 18.37 -12.72
C GLN A 181 0.20 17.08 -12.36
N ALA A 182 0.92 16.52 -13.33
CA ALA A 182 1.78 15.34 -13.15
C ALA A 182 2.82 15.57 -12.05
N PHE A 183 3.60 16.69 -12.12
CA PHE A 183 4.61 16.97 -11.09
C PHE A 183 4.02 17.31 -9.76
N SER A 184 2.87 18.02 -9.73
CA SER A 184 2.24 18.38 -8.45
C SER A 184 1.73 17.14 -7.76
N PHE A 185 1.15 16.19 -8.56
CA PHE A 185 0.62 14.92 -8.06
C PHE A 185 1.72 14.09 -7.44
N HIS A 186 2.86 13.93 -8.16
CA HIS A 186 4.01 13.17 -7.72
C HIS A 186 4.59 13.73 -6.41
N SER A 187 4.62 15.06 -6.28
CA SER A 187 5.14 15.75 -5.07
C SER A 187 4.31 15.36 -3.83
N LEU A 188 2.98 15.35 -3.97
CA LEU A 188 2.04 15.01 -2.92
C LEU A 188 2.01 13.50 -2.64
N LEU A 189 2.29 12.67 -3.67
CA LEU A 189 2.32 11.21 -3.58
C LEU A 189 3.54 10.74 -2.82
N VAL A 190 4.74 11.27 -3.14
CA VAL A 190 6.00 10.91 -2.48
C VAL A 190 6.13 11.59 -1.11
N GLY A 191 5.34 12.62 -0.88
CA GLY A 191 5.31 13.38 0.38
C GLY A 191 4.63 12.59 1.48
N GLY A 192 3.68 11.75 1.09
CA GLY A 192 2.92 10.89 1.98
C GLY A 192 1.73 11.55 2.65
N ASN A 193 1.86 12.81 3.08
CA ASN A 193 0.75 13.48 3.75
C ASN A 193 0.21 14.75 3.07
N PRO A 194 -0.78 14.60 2.15
CA PRO A 194 -1.40 15.79 1.52
C PRO A 194 -2.17 16.62 2.56
N THR A 197 2.04 19.67 3.75
CA THR A 197 3.46 19.88 3.41
C THR A 197 3.62 20.73 2.12
N SER A 198 3.69 22.07 2.28
CA SER A 198 3.81 23.04 1.18
C SER A 198 5.22 23.12 0.54
N SER A 199 6.27 22.54 1.22
CA SER A 199 7.66 22.57 0.71
C SER A 199 7.94 21.55 -0.38
N ILE A 200 8.57 22.03 -1.48
CA ILE A 200 8.94 21.24 -2.67
C ILE A 200 10.11 20.26 -2.46
N TYR A 201 10.69 20.23 -1.25
CA TYR A 201 11.80 19.37 -0.86
C TYR A 201 11.54 17.92 -1.18
N THR A 202 10.34 17.42 -0.85
CA THR A 202 9.92 16.02 -1.06
C THR A 202 10.05 15.58 -2.53
N LEU A 203 9.49 16.37 -3.47
CA LEU A 203 9.57 16.13 -4.92
C LEU A 203 11.03 16.06 -5.40
N ILE A 204 11.88 16.99 -4.90
CA ILE A 204 13.27 17.07 -5.27
C ILE A 204 14.15 16.02 -4.60
N HIS A 205 13.94 15.75 -3.29
CA HIS A 205 14.67 14.75 -2.51
C HIS A 205 14.57 13.34 -3.11
N ALA A 206 13.41 13.04 -3.73
CA ALA A 206 13.13 11.77 -4.38
C ALA A 206 14.27 11.43 -5.35
N LEU A 207 14.76 12.45 -6.10
CA LEU A 207 15.83 12.31 -7.10
C LEU A 207 17.27 12.30 -6.56
N GLU A 208 17.49 12.84 -5.33
CA GLU A 208 18.81 12.86 -4.65
C GLU A 208 19.26 11.43 -4.32
N ARG A 209 18.31 10.47 -4.40
CA ARG A 209 18.52 9.07 -4.10
C ARG A 209 18.01 8.14 -5.22
N GLU A 210 18.65 6.97 -5.31
CA GLU A 210 18.29 5.93 -6.26
C GLU A 210 17.26 5.06 -5.52
N TRP A 211 15.98 5.12 -5.96
CA TRP A 211 14.91 4.29 -5.39
C TRP A 211 14.04 3.75 -6.52
N GLY A 212 13.30 2.69 -6.22
CA GLY A 212 12.38 2.06 -7.14
C GLY A 212 11.18 1.50 -6.42
N VAL A 213 10.31 0.88 -7.18
CA VAL A 213 9.09 0.23 -6.72
C VAL A 213 9.29 -1.28 -6.89
N TRP A 214 8.96 -2.02 -5.86
CA TRP A 214 9.09 -3.46 -5.82
C TRP A 214 7.74 -4.09 -5.51
N PHE A 215 7.57 -5.33 -5.96
CA PHE A 215 6.37 -6.10 -5.78
C PHE A 215 6.81 -7.51 -5.44
N PRO A 216 6.30 -8.11 -4.34
CA PRO A 216 6.71 -9.49 -4.02
C PRO A 216 6.10 -10.51 -4.99
N ARG A 217 6.89 -11.49 -5.49
CA ARG A 217 6.35 -12.57 -6.35
C ARG A 217 5.30 -13.35 -5.52
N GLY A 218 4.05 -13.35 -5.97
CA GLY A 218 2.93 -13.97 -5.29
C GLY A 218 2.11 -12.95 -4.52
N GLY A 219 2.53 -11.69 -4.62
CA GLY A 219 1.89 -10.57 -3.92
C GLY A 219 2.07 -10.62 -2.43
N THR A 220 1.16 -9.94 -1.73
CA THR A 220 1.02 -9.76 -0.30
C THR A 220 1.07 -11.11 0.46
N GLY A 221 0.29 -12.09 -0.03
CA GLY A 221 0.20 -13.44 0.50
C GLY A 221 1.54 -14.14 0.60
N ALA A 222 2.38 -14.01 -0.42
CA ALA A 222 3.71 -14.61 -0.39
C ALA A 222 4.62 -13.94 0.66
N LEU A 223 4.47 -12.61 0.86
CA LEU A 223 5.26 -11.90 1.86
C LEU A 223 4.84 -12.36 3.28
N VAL A 224 3.53 -12.52 3.50
CA VAL A 224 2.93 -13.01 4.75
C VAL A 224 3.50 -14.40 5.01
N GLN A 225 3.34 -15.31 4.00
CA GLN A 225 3.81 -16.69 4.10
C GLN A 225 5.31 -16.85 4.37
N GLY A 226 6.13 -16.00 3.76
CA GLY A 226 7.58 -15.99 3.98
C GLY A 226 7.93 -15.60 5.41
N MET A 227 7.19 -14.62 5.96
CA MET A 227 7.34 -14.14 7.33
C MET A 227 6.85 -15.15 8.36
N ILE A 228 5.81 -15.92 8.01
CA ILE A 228 5.31 -17.01 8.85
C ILE A 228 6.35 -18.14 8.85
N LYS A 229 6.88 -18.49 7.67
CA LYS A 229 7.91 -19.52 7.57
C LYS A 229 9.14 -19.11 8.41
N LEU A 230 9.58 -17.84 8.30
CA LEU A 230 10.70 -17.33 9.13
C LEU A 230 10.37 -17.51 10.63
N PHE A 231 9.16 -17.11 11.04
CA PHE A 231 8.67 -17.22 12.42
C PHE A 231 8.74 -18.66 12.95
N GLN A 232 8.25 -19.62 12.14
CA GLN A 232 8.25 -21.04 12.51
C GLN A 232 9.66 -21.62 12.55
N ASP A 233 10.55 -21.23 11.62
CA ASP A 233 11.96 -21.68 11.59
C ASP A 233 12.71 -21.20 12.83
N LEU A 234 12.20 -20.13 13.47
CA LEU A 234 12.75 -19.58 14.70
C LEU A 234 12.17 -20.30 15.94
N GLY A 235 11.16 -21.14 15.70
CA GLY A 235 10.50 -21.93 16.74
C GLY A 235 9.13 -21.44 17.18
N GLY A 236 8.54 -20.48 16.48
CA GLY A 236 7.24 -19.97 16.86
C GLY A 236 6.10 -20.83 16.37
N GLU A 237 4.91 -20.71 17.00
CA GLU A 237 3.74 -21.49 16.60
C GLU A 237 2.62 -20.57 16.18
N VAL A 238 1.86 -20.99 15.18
CA VAL A 238 0.75 -20.24 14.60
C VAL A 238 -0.56 -20.94 14.90
N VAL A 239 -1.51 -20.21 15.52
CA VAL A 239 -2.84 -20.72 15.83
C VAL A 239 -3.77 -20.07 14.79
N LEU A 240 -4.45 -20.92 14.00
CA LEU A 240 -5.35 -20.51 12.91
C LEU A 240 -6.81 -20.56 13.36
N ASN A 241 -7.69 -19.71 12.73
CA ASN A 241 -9.14 -19.59 13.04
C ASN A 241 -9.33 -19.32 14.53
N ALA A 242 -8.45 -18.47 15.08
CA ALA A 242 -8.38 -18.12 16.50
C ALA A 242 -9.25 -16.91 16.78
N ARG A 243 -10.54 -17.13 16.94
CA ARG A 243 -11.46 -16.05 17.27
C ARG A 243 -11.42 -15.85 18.79
N VAL A 244 -10.80 -14.74 19.24
CA VAL A 244 -10.67 -14.43 20.67
C VAL A 244 -12.01 -14.10 21.27
N SER A 245 -12.37 -14.83 22.33
CA SER A 245 -13.62 -14.60 23.03
C SER A 245 -13.39 -13.60 24.16
N HIS A 246 -12.29 -13.78 24.95
CA HIS A 246 -11.94 -12.92 26.11
C HIS A 246 -10.57 -13.27 26.67
N MET A 247 -10.09 -12.42 27.58
CA MET A 247 -8.85 -12.55 28.33
C MET A 247 -9.21 -13.07 29.72
N GLU A 248 -8.30 -13.84 30.34
CA GLU A 248 -8.48 -14.32 31.70
C GLU A 248 -7.48 -13.55 32.54
N THR A 249 -7.98 -12.94 33.59
CA THR A 249 -7.28 -12.04 34.48
C THR A 249 -7.11 -12.55 35.93
N THR A 250 -5.96 -12.22 36.53
CA THR A 250 -5.61 -12.35 37.95
C THR A 250 -4.83 -11.11 38.32
N GLY A 251 -5.45 -10.27 39.16
CA GLY A 251 -4.87 -8.99 39.51
C GLY A 251 -4.84 -8.07 38.30
N ASN A 252 -3.69 -7.45 38.02
CA ASN A 252 -3.54 -6.56 36.89
C ASN A 252 -2.78 -7.24 35.73
N LYS A 253 -2.86 -8.57 35.67
CA LYS A 253 -2.18 -9.38 34.66
C LYS A 253 -3.12 -10.35 33.95
N ILE A 254 -2.89 -10.56 32.65
CA ILE A 254 -3.59 -11.56 31.86
C ILE A 254 -2.88 -12.90 32.08
N GLU A 255 -3.65 -13.91 32.53
CA GLU A 255 -3.22 -15.28 32.80
C GLU A 255 -3.34 -16.16 31.56
N ALA A 256 -4.43 -15.95 30.77
CA ALA A 256 -4.74 -16.79 29.61
C ALA A 256 -5.59 -16.09 28.59
N VAL A 257 -5.44 -16.51 27.32
CA VAL A 257 -6.25 -16.03 26.20
C VAL A 257 -7.26 -17.13 25.92
N HIS A 258 -8.53 -16.76 25.82
CA HIS A 258 -9.61 -17.72 25.53
C HIS A 258 -10.12 -17.52 24.10
N LEU A 259 -10.41 -18.64 23.43
CA LEU A 259 -10.92 -18.62 22.05
C LEU A 259 -12.39 -19.03 22.05
N GLU A 260 -13.15 -18.56 21.05
CA GLU A 260 -14.60 -18.85 20.92
C GLU A 260 -14.91 -20.34 20.88
N ASP A 261 -14.02 -21.14 20.25
CA ASP A 261 -14.14 -22.60 20.12
C ASP A 261 -13.91 -23.37 21.42
N GLY A 262 -13.50 -22.68 22.49
CA GLY A 262 -13.31 -23.34 23.78
C GLY A 262 -11.87 -23.49 24.24
N ARG A 263 -10.90 -23.23 23.34
CA ARG A 263 -9.46 -23.31 23.66
C ARG A 263 -9.01 -22.18 24.60
N ARG A 264 -8.10 -22.52 25.48
CA ARG A 264 -7.56 -21.63 26.50
C ARG A 264 -6.05 -21.71 26.42
N PHE A 265 -5.38 -20.58 26.19
CA PHE A 265 -3.92 -20.60 26.14
C PHE A 265 -3.33 -19.77 27.27
N LEU A 266 -2.55 -20.40 28.17
CA LEU A 266 -1.87 -19.73 29.29
C LEU A 266 -0.76 -18.88 28.73
N THR A 267 -0.63 -17.63 29.21
CA THR A 267 0.30 -16.68 28.61
C THR A 267 1.07 -15.80 29.61
N GLN A 268 2.30 -15.41 29.23
CA GLN A 268 3.19 -14.51 29.98
C GLN A 268 2.79 -13.04 29.69
N ALA A 269 2.41 -12.76 28.43
CA ALA A 269 2.08 -11.43 27.92
C ALA A 269 1.24 -11.53 26.68
N VAL A 270 0.49 -10.47 26.39
CA VAL A 270 -0.38 -10.39 25.23
C VAL A 270 -0.07 -9.11 24.45
N ALA A 271 0.11 -9.25 23.14
CA ALA A 271 0.29 -8.12 22.23
C ALA A 271 -0.81 -8.14 21.17
N SER A 272 -1.48 -7.00 20.97
CA SER A 272 -2.57 -6.89 20.00
C SER A 272 -2.73 -5.47 19.44
N ASN A 273 -3.59 -5.32 18.41
CA ASN A 273 -3.92 -4.02 17.80
C ASN A 273 -4.92 -3.24 18.65
N ALA A 274 -4.95 -1.91 18.47
CA ALA A 274 -5.81 -0.97 19.20
C ALA A 274 -7.34 -1.27 19.14
N ASP A 275 -7.92 -1.64 20.31
CA ASP A 275 -9.34 -1.97 20.52
C ASP A 275 -9.71 -1.95 22.01
N SER A 303 -12.68 13.56 5.17
CA SER A 303 -12.08 12.54 4.32
C SER A 303 -13.12 11.60 3.67
N ASN A 304 -12.87 11.26 2.40
CA ASN A 304 -13.71 10.36 1.59
C ASN A 304 -13.44 8.90 1.91
N SER A 305 -14.46 8.05 1.73
CA SER A 305 -14.34 6.61 1.88
C SER A 305 -13.90 6.01 0.52
N LEU A 306 -13.50 4.73 0.51
CA LEU A 306 -13.10 4.08 -0.72
C LEU A 306 -14.01 2.89 -1.06
N PHE A 307 -14.31 2.73 -2.35
CA PHE A 307 -15.04 1.58 -2.87
C PHE A 307 -13.98 0.70 -3.57
N VAL A 308 -13.90 -0.58 -3.20
CA VAL A 308 -12.94 -1.54 -3.77
C VAL A 308 -13.71 -2.49 -4.66
N LEU A 309 -13.17 -2.75 -5.83
CA LEU A 309 -13.73 -3.68 -6.78
C LEU A 309 -12.60 -4.56 -7.32
N TYR A 310 -12.61 -5.85 -6.98
CA TYR A 310 -11.68 -6.85 -7.50
C TYR A 310 -12.33 -7.50 -8.70
N PHE A 311 -11.55 -7.82 -9.74
CA PHE A 311 -12.08 -8.50 -10.92
C PHE A 311 -11.03 -9.29 -11.64
N GLY A 312 -11.43 -10.45 -12.12
CA GLY A 312 -10.57 -11.37 -12.85
C GLY A 312 -11.05 -11.51 -14.27
N LEU A 313 -10.13 -11.34 -15.24
CA LEU A 313 -10.44 -11.44 -16.67
C LEU A 313 -9.76 -12.65 -17.31
N ASN A 314 -10.35 -13.18 -18.40
CA ASN A 314 -9.74 -14.30 -19.11
C ASN A 314 -8.76 -13.79 -20.21
N HIS A 315 -8.36 -12.53 -20.12
CA HIS A 315 -7.42 -11.92 -21.03
C HIS A 315 -6.46 -11.05 -20.23
N HIS A 316 -5.19 -11.11 -20.58
CA HIS A 316 -4.16 -10.31 -19.94
C HIS A 316 -4.00 -8.99 -20.69
N HIS A 317 -4.37 -7.88 -20.04
CA HIS A 317 -4.24 -6.54 -20.61
C HIS A 317 -2.79 -6.05 -20.42
N ASP A 318 -1.92 -6.48 -21.33
CA ASP A 318 -0.48 -6.20 -21.33
C ASP A 318 -0.15 -4.73 -21.63
N GLN A 319 -1.14 -3.91 -22.05
CA GLN A 319 -0.96 -2.48 -22.35
C GLN A 319 -0.97 -1.60 -21.10
N LEU A 320 -1.39 -2.16 -19.97
CA LEU A 320 -1.49 -1.43 -18.71
C LEU A 320 -0.17 -1.39 -17.96
N ALA A 321 -0.01 -0.34 -17.14
CA ALA A 321 1.07 -0.21 -16.17
C ALA A 321 0.54 -1.00 -14.93
N HIS A 322 1.43 -1.40 -14.05
CA HIS A 322 1.08 -2.09 -12.81
C HIS A 322 0.24 -1.15 -11.95
N HIS A 323 0.65 0.11 -11.84
CA HIS A 323 -0.08 1.12 -11.07
C HIS A 323 -0.61 2.19 -12.00
N THR A 324 -1.93 2.40 -12.07
CA THR A 324 -2.51 3.44 -12.94
C THR A 324 -3.36 4.40 -12.16
N VAL A 325 -3.09 5.69 -12.33
CA VAL A 325 -3.82 6.78 -11.70
C VAL A 325 -4.66 7.38 -12.85
N CYS A 326 -6.00 7.25 -12.75
CA CYS A 326 -6.95 7.75 -13.75
C CYS A 326 -7.49 9.09 -13.37
N PHE A 327 -7.30 10.04 -14.29
CA PHE A 327 -7.81 11.39 -14.17
C PHE A 327 -9.05 11.51 -15.04
N GLY A 328 -10.01 12.25 -14.54
CA GLY A 328 -11.26 12.47 -15.26
C GLY A 328 -11.80 13.85 -14.98
N PRO A 329 -12.68 14.41 -15.85
CA PRO A 329 -13.21 15.76 -15.57
C PRO A 329 -14.08 15.81 -14.31
N ARG A 330 -13.88 16.87 -13.49
CA ARG A 330 -14.53 17.16 -12.20
C ARG A 330 -14.55 15.98 -11.20
N LEU A 344 -6.18 22.85 -14.94
CA LEU A 344 -6.85 21.90 -15.83
C LEU A 344 -8.17 21.39 -15.24
N ALA A 345 -9.11 21.01 -16.12
CA ALA A 345 -10.44 20.52 -15.77
C ALA A 345 -10.52 18.98 -15.66
N GLU A 346 -9.53 18.38 -14.97
CA GLU A 346 -9.45 16.92 -14.70
C GLU A 346 -8.82 16.70 -13.35
N ASP A 347 -9.32 15.72 -12.57
CA ASP A 347 -8.79 15.36 -11.26
C ASP A 347 -8.72 13.82 -11.04
N PHE A 348 -7.96 13.37 -10.02
CA PHE A 348 -7.73 11.97 -9.66
C PHE A 348 -9.04 11.29 -9.28
N SER A 349 -9.48 10.33 -10.10
CA SER A 349 -10.78 9.69 -9.92
C SER A 349 -10.77 8.20 -9.69
N LEU A 350 -9.79 7.46 -10.25
CA LEU A 350 -9.72 6.01 -10.09
C LEU A 350 -8.30 5.58 -9.99
N TYR A 351 -8.07 4.52 -9.23
CA TYR A 351 -6.79 3.87 -9.12
C TYR A 351 -7.00 2.44 -9.57
N LEU A 352 -6.21 2.01 -10.54
CA LEU A 352 -6.27 0.65 -11.07
C LEU A 352 -4.95 -0.08 -10.76
N HIS A 353 -5.05 -1.27 -10.14
CA HIS A 353 -3.90 -2.12 -9.84
C HIS A 353 -3.98 -3.30 -10.78
N ALA A 354 -2.97 -3.45 -11.64
CA ALA A 354 -2.87 -4.50 -12.66
C ALA A 354 -1.54 -5.25 -12.41
N PRO A 355 -1.42 -6.09 -11.36
CA PRO A 355 -0.10 -6.66 -11.03
C PRO A 355 0.46 -7.74 -11.94
N CYS A 356 -0.39 -8.27 -12.86
CA CYS A 356 0.01 -9.32 -13.79
C CYS A 356 1.06 -8.94 -14.83
N VAL A 357 1.25 -7.62 -15.05
CA VAL A 357 2.32 -7.14 -15.93
C VAL A 357 3.71 -7.41 -15.28
N THR A 358 3.74 -7.52 -13.94
CA THR A 358 4.94 -7.81 -13.16
C THR A 358 4.98 -9.29 -12.77
N ASP A 359 3.84 -9.84 -12.29
CA ASP A 359 3.72 -11.19 -11.74
C ASP A 359 2.56 -11.99 -12.33
N SER A 360 2.89 -12.92 -13.24
CA SER A 360 1.87 -13.71 -13.93
C SER A 360 1.24 -14.81 -13.06
N SER A 361 1.85 -15.11 -11.90
CA SER A 361 1.37 -16.15 -10.99
C SER A 361 0.08 -15.76 -10.25
N LEU A 362 -0.36 -14.49 -10.37
CA LEU A 362 -1.55 -13.96 -9.71
C LEU A 362 -2.88 -14.27 -10.42
N ALA A 363 -2.79 -14.94 -11.57
CA ALA A 363 -3.95 -15.31 -12.36
C ALA A 363 -3.62 -16.56 -13.15
N PRO A 364 -4.61 -17.30 -13.73
CA PRO A 364 -4.24 -18.42 -14.60
C PRO A 364 -3.59 -17.93 -15.91
N GLU A 365 -2.97 -18.84 -16.68
CA GLU A 365 -2.30 -18.57 -17.96
C GLU A 365 -3.26 -17.84 -18.93
N GLY A 366 -2.77 -16.72 -19.48
CA GLY A 366 -3.52 -15.86 -20.39
C GLY A 366 -4.62 -15.06 -19.73
N CYS A 367 -4.60 -14.96 -18.37
CA CYS A 367 -5.62 -14.25 -17.60
C CYS A 367 -5.02 -13.05 -16.87
N GLY A 368 -5.91 -12.23 -16.32
CA GLY A 368 -5.54 -11.05 -15.55
C GLY A 368 -6.34 -10.89 -14.28
N SER A 369 -5.67 -10.41 -13.23
CA SER A 369 -6.21 -10.16 -11.90
C SER A 369 -6.10 -8.63 -11.65
N TYR A 370 -7.21 -8.01 -11.31
CA TYR A 370 -7.24 -6.55 -11.12
C TYR A 370 -8.04 -6.09 -9.93
N TYR A 371 -7.75 -4.88 -9.50
CA TYR A 371 -8.58 -4.15 -8.55
C TYR A 371 -8.59 -2.67 -8.87
N VAL A 372 -9.75 -2.08 -8.65
CA VAL A 372 -9.99 -0.66 -8.83
C VAL A 372 -10.52 -0.03 -7.51
N LEU A 373 -9.96 1.14 -7.14
CA LEU A 373 -10.41 1.93 -5.98
C LEU A 373 -11.07 3.20 -6.55
N ALA A 374 -12.24 3.55 -6.01
CA ALA A 374 -13.00 4.75 -6.38
C ALA A 374 -13.30 5.52 -5.10
N PRO A 375 -13.11 6.85 -5.08
CA PRO A 375 -13.43 7.61 -3.86
C PRO A 375 -14.93 7.78 -3.76
N VAL A 376 -15.45 7.52 -2.59
CA VAL A 376 -16.89 7.61 -2.32
C VAL A 376 -17.14 8.43 -1.05
N PRO A 377 -18.32 9.09 -0.89
CA PRO A 377 -18.57 9.85 0.36
C PRO A 377 -18.52 8.95 1.61
N HIS A 378 -17.99 9.48 2.72
CA HIS A 378 -17.86 8.76 4.00
C HIS A 378 -19.21 8.14 4.45
N LEU A 379 -19.17 6.89 4.97
CA LEU A 379 -20.38 6.16 5.42
C LEU A 379 -21.21 6.97 6.40
N GLY A 380 -22.50 7.10 6.09
CA GLY A 380 -23.49 7.87 6.85
C GLY A 380 -23.68 9.28 6.35
N THR A 381 -22.63 9.83 5.69
CA THR A 381 -22.53 11.17 5.13
C THR A 381 -23.52 11.51 4.00
N ALA A 382 -23.77 10.57 3.07
CA ALA A 382 -24.64 10.83 1.91
C ALA A 382 -25.94 10.00 1.85
N ASN A 383 -26.34 9.34 2.97
CA ASN A 383 -27.54 8.50 3.09
C ASN A 383 -27.67 7.54 1.89
N LEU A 384 -26.66 6.68 1.72
CA LEU A 384 -26.59 5.73 0.59
C LEU A 384 -26.92 4.30 0.96
N ASP A 385 -27.58 3.59 0.03
CA ASP A 385 -27.89 2.17 0.18
C ASP A 385 -26.88 1.39 -0.67
N TRP A 386 -25.77 0.96 -0.04
CA TRP A 386 -24.70 0.21 -0.68
C TRP A 386 -25.08 -1.15 -1.32
N THR A 387 -26.29 -1.64 -1.00
CA THR A 387 -26.87 -2.87 -1.55
C THR A 387 -27.33 -2.61 -3.00
N VAL A 388 -27.79 -1.38 -3.29
CA VAL A 388 -28.24 -0.90 -4.61
C VAL A 388 -27.08 -0.11 -5.31
N GLU A 389 -26.41 0.81 -4.57
CA GLU A 389 -25.33 1.69 -5.02
C GLU A 389 -24.05 1.01 -5.45
N GLY A 390 -23.66 -0.05 -4.74
CA GLY A 390 -22.50 -0.87 -5.02
C GLY A 390 -22.56 -1.54 -6.38
N PRO A 391 -23.60 -2.37 -6.70
CA PRO A 391 -23.68 -3.00 -8.04
C PRO A 391 -23.72 -1.97 -9.17
N LYS A 392 -24.40 -0.84 -8.94
CA LYS A 392 -24.52 0.24 -9.91
C LYS A 392 -23.19 0.94 -10.20
N LEU A 393 -22.37 1.17 -9.14
CA LEU A 393 -21.06 1.79 -9.26
C LEU A 393 -20.08 0.85 -9.95
N ARG A 394 -20.16 -0.45 -9.59
CA ARG A 394 -19.37 -1.53 -10.17
C ARG A 394 -19.57 -1.53 -11.70
N ASP A 395 -20.83 -1.58 -12.14
CA ASP A 395 -21.18 -1.62 -13.56
C ASP A 395 -20.78 -0.35 -14.35
N ARG A 396 -20.76 0.81 -13.68
CA ARG A 396 -20.35 2.09 -14.24
C ARG A 396 -18.82 2.11 -14.35
N ILE A 397 -18.11 1.48 -13.40
CA ILE A 397 -16.66 1.38 -13.41
C ILE A 397 -16.18 0.46 -14.54
N PHE A 398 -16.84 -0.70 -14.69
CA PHE A 398 -16.56 -1.65 -15.77
C PHE A 398 -16.69 -0.99 -17.12
N ALA A 399 -17.81 -0.28 -17.35
CA ALA A 399 -18.09 0.39 -18.63
C ALA A 399 -17.06 1.44 -18.94
N TYR A 400 -16.67 2.25 -17.94
CA TYR A 400 -15.66 3.31 -18.05
C TYR A 400 -14.28 2.73 -18.39
N LEU A 401 -13.83 1.69 -17.63
CA LEU A 401 -12.53 1.07 -17.88
C LEU A 401 -12.48 0.42 -19.24
N GLU A 402 -13.57 -0.21 -19.68
CA GLU A 402 -13.64 -0.83 -21.01
C GLU A 402 -13.54 0.21 -22.12
N GLN A 403 -14.35 1.29 -22.01
CA GLN A 403 -14.41 2.39 -22.96
C GLN A 403 -13.04 3.05 -23.12
N HIS A 404 -12.36 3.33 -22.01
CA HIS A 404 -11.10 4.06 -22.05
C HIS A 404 -9.79 3.29 -22.04
N TYR A 405 -9.69 2.20 -21.25
CA TYR A 405 -8.39 1.57 -21.04
C TYR A 405 -8.25 0.11 -21.32
N MET A 406 -9.37 -0.65 -21.25
CA MET A 406 -9.41 -2.12 -21.30
C MET A 406 -10.46 -2.68 -22.24
N PRO A 407 -10.15 -2.74 -23.56
CA PRO A 407 -11.16 -3.25 -24.54
C PRO A 407 -11.58 -4.68 -24.29
N GLY A 408 -12.89 -4.93 -24.46
CA GLY A 408 -13.52 -6.23 -24.27
C GLY A 408 -13.66 -6.66 -22.81
N LEU A 409 -13.37 -5.73 -21.83
CA LEU A 409 -13.43 -5.99 -20.37
C LEU A 409 -14.59 -6.90 -19.97
N ARG A 410 -15.85 -6.44 -20.13
CA ARG A 410 -17.06 -7.18 -19.76
C ARG A 410 -17.17 -8.60 -20.27
N SER A 411 -16.84 -8.80 -21.54
CA SER A 411 -16.88 -10.12 -22.17
C SER A 411 -15.79 -11.06 -21.62
N GLN A 412 -14.77 -10.49 -20.94
CA GLN A 412 -13.67 -11.26 -20.37
C GLN A 412 -13.86 -11.60 -18.91
N LEU A 413 -14.90 -11.04 -18.26
CA LEU A 413 -15.15 -11.25 -16.82
C LEU A 413 -15.36 -12.70 -16.44
N VAL A 414 -14.63 -13.14 -15.42
CA VAL A 414 -14.69 -14.50 -14.90
C VAL A 414 -15.25 -14.41 -13.49
N THR A 415 -14.71 -13.49 -12.70
CA THR A 415 -15.08 -13.33 -11.29
C THR A 415 -14.85 -11.90 -10.82
N HIS A 416 -15.62 -11.47 -9.82
CA HIS A 416 -15.46 -10.14 -9.26
C HIS A 416 -16.10 -10.08 -7.90
N ARG A 417 -15.72 -9.05 -7.11
CA ARG A 417 -16.24 -8.82 -5.77
C ARG A 417 -16.07 -7.34 -5.40
N MET A 418 -17.06 -6.80 -4.71
CA MET A 418 -17.03 -5.42 -4.24
C MET A 418 -16.86 -5.37 -2.73
N PHE A 419 -16.25 -4.28 -2.27
CA PHE A 419 -16.11 -3.94 -0.86
C PHE A 419 -16.52 -2.49 -0.77
N THR A 420 -17.74 -2.25 -0.30
CA THR A 420 -18.31 -0.91 -0.16
C THR A 420 -18.04 -0.40 1.28
N PRO A 421 -18.27 0.89 1.61
CA PRO A 421 -18.12 1.31 3.02
C PRO A 421 -18.99 0.52 4.02
N PHE A 422 -20.12 -0.08 3.56
CA PHE A 422 -21.04 -0.94 4.35
C PHE A 422 -20.30 -2.19 4.81
N ASP A 423 -19.51 -2.80 3.89
CA ASP A 423 -18.76 -4.03 4.12
C ASP A 423 -17.67 -3.83 5.19
N PHE A 424 -17.06 -2.64 5.22
CA PHE A 424 -15.99 -2.28 6.17
C PHE A 424 -16.45 -2.11 7.64
N ARG A 425 -17.75 -2.32 7.92
CA ARG A 425 -18.32 -2.24 9.26
C ARG A 425 -17.96 -3.50 10.06
N THR A 456 -3.84 -0.10 32.95
CA THR A 456 -4.29 -1.00 34.02
C THR A 456 -3.69 -2.42 33.97
N ILE A 457 -3.65 -3.06 32.79
CA ILE A 457 -3.06 -4.41 32.64
C ILE A 457 -1.55 -4.33 32.37
N THR A 458 -0.77 -4.90 33.29
CA THR A 458 0.69 -4.93 33.32
C THR A 458 1.37 -5.62 32.11
N ASN A 459 0.80 -6.74 31.67
CA ASN A 459 1.38 -7.53 30.59
C ASN A 459 0.62 -7.48 29.27
N LEU A 460 -0.13 -6.39 29.03
CA LEU A 460 -0.85 -6.17 27.77
C LEU A 460 -0.19 -5.03 26.99
N TYR A 461 0.23 -5.32 25.73
CA TYR A 461 0.92 -4.35 24.85
C TYR A 461 0.18 -4.08 23.55
N LEU A 462 0.16 -2.81 23.11
CA LEU A 462 -0.49 -2.39 21.87
C LEU A 462 0.54 -2.29 20.76
N VAL A 463 0.32 -3.05 19.68
CA VAL A 463 1.21 -3.11 18.52
C VAL A 463 1.03 -1.78 17.79
N GLY A 464 2.09 -0.97 17.77
CA GLY A 464 2.07 0.35 17.16
C GLY A 464 2.30 1.47 18.17
N ALA A 471 3.29 4.64 6.46
CA ALA A 471 4.42 4.31 5.59
C ALA A 471 4.33 2.86 4.99
N GLY A 472 3.09 2.38 4.83
CA GLY A 472 2.78 1.05 4.29
C GLY A 472 3.33 -0.10 5.12
N ILE A 473 3.51 -1.28 4.47
CA ILE A 473 4.05 -2.52 5.06
C ILE A 473 5.38 -2.27 5.83
N PRO A 474 6.46 -1.67 5.24
CA PRO A 474 7.68 -1.43 6.03
C PRO A 474 7.49 -0.54 7.27
N GLY A 475 6.54 0.41 7.20
CA GLY A 475 6.18 1.30 8.29
C GLY A 475 5.46 0.61 9.43
N VAL A 476 4.63 -0.42 9.12
CA VAL A 476 3.87 -1.22 10.10
C VAL A 476 4.89 -2.11 10.86
N ILE A 477 5.78 -2.75 10.07
CA ILE A 477 6.88 -3.62 10.48
C ILE A 477 7.85 -2.87 11.41
N GLY A 478 8.22 -1.64 11.05
CA GLY A 478 9.12 -0.81 11.84
C GLY A 478 8.59 -0.35 13.18
N SER A 479 7.25 -0.21 13.30
CA SER A 479 6.58 0.19 14.54
C SER A 479 6.52 -0.98 15.57
N ALA A 480 6.67 -2.22 15.07
CA ALA A 480 6.71 -3.44 15.86
C ALA A 480 8.04 -3.55 16.59
N LYS A 481 9.09 -2.88 16.06
CA LYS A 481 10.44 -2.86 16.61
C LYS A 481 10.45 -2.20 17.99
N ALA A 482 9.71 -1.10 18.14
CA ALA A 482 9.61 -0.37 19.41
C ALA A 482 8.82 -1.18 20.46
N THR A 483 7.76 -1.90 20.03
CA THR A 483 6.96 -2.74 20.93
C THR A 483 7.82 -3.92 21.40
N ALA A 484 8.60 -4.54 20.49
CA ALA A 484 9.50 -5.65 20.78
C ALA A 484 10.53 -5.26 21.84
N GLY A 485 11.13 -4.07 21.71
CA GLY A 485 12.10 -3.54 22.67
C GLY A 485 11.54 -3.39 24.07
N LEU A 486 10.33 -2.80 24.16
CA LEU A 486 9.59 -2.60 25.42
C LEU A 486 9.19 -3.94 26.05
N MET A 487 8.68 -4.91 25.22
CA MET A 487 8.29 -6.23 25.70
C MET A 487 9.48 -7.04 26.19
N LEU A 488 10.61 -6.99 25.48
CA LEU A 488 11.85 -7.68 25.85
C LEU A 488 12.44 -7.21 27.19
N GLU A 489 12.33 -5.90 27.50
CA GLU A 489 12.79 -5.29 28.76
C GLU A 489 11.96 -5.79 29.95
N ASP A 490 10.65 -6.00 29.74
CA ASP A 490 9.75 -6.49 30.79
C ASP A 490 9.79 -8.03 30.93
N LEU A 491 10.11 -8.76 29.84
CA LEU A 491 10.19 -10.23 29.83
C LEU A 491 11.57 -10.75 30.27
N ILE A 492 12.64 -9.97 30.05
CA ILE A 492 14.02 -10.31 30.41
C ILE A 492 14.60 -9.35 31.47
#